data_2YA9
#
_entry.id   2YA9
#
_cell.length_a   64.040
_cell.length_b   86.440
_cell.length_c   124.270
_cell.angle_alpha   90.00
_cell.angle_beta   90.00
_cell.angle_gamma   90.00
#
_symmetry.space_group_name_H-M   'P 21 21 21'
#
loop_
_entity.id
_entity.type
_entity.pdbx_description
1 polymer 'DEATH-ASSOCIATED PROTEIN KINASE 2'
2 non-polymer (4S,5S)-1,2-DITHIANE-4,5-DIOL
3 non-polymer 'CALCIUM ION'
4 water water
#
_entity_poly.entity_id   1
_entity_poly.type   'polypeptide(L)'
_entity_poly.pdbx_seq_one_letter_code
;GMETFKQQKVEDFYDIGEELGSGQFAIVKKCREKSTGLEYAAKFIKKRQSRASRRGVCREEIEREVSILRQVLHPNIITL
HDVYENRTDVVLILELVSGGELFDFLAQKESLSEEEATSFIKQILDGVNYLHTKKIAHFDLKPENIMLLDKNIPIPHIKL
IDFGLAHEIEDGVEFKNIFGTPEFVAPEIVNYEPLGLEADMWSIGVITYILLSGASPFLGDTKQETLANITAVSYDFDEE
FFSQTSELAKDFIRKLLVKETRKRLTIQEALRHPWITPVDTQQAMVRRESVVNLENFKKQYVRRRWKLSFSIVSLCNHLT
RSLMKKVHLRTSEDLRNCESDTEENIARRKALHPRRRSSTS
;
_entity_poly.pdbx_strand_id   A,B
#
# COMPACT_ATOMS: atom_id res chain seq x y z
N THR A 4 3.99 23.51 17.03
CA THR A 4 2.92 24.40 16.63
C THR A 4 3.03 24.78 15.15
N PHE A 5 1.88 24.95 14.50
CA PHE A 5 1.83 25.35 13.10
C PHE A 5 1.12 26.71 13.00
N LYS A 6 1.53 27.53 12.06
CA LYS A 6 0.96 28.87 11.93
C LYS A 6 -0.49 28.78 11.47
N GLN A 7 -1.39 29.35 12.26
CA GLN A 7 -2.82 29.29 11.95
C GLN A 7 -3.26 30.43 11.03
N GLN A 8 -2.63 30.55 9.86
CA GLN A 8 -2.97 31.60 8.90
C GLN A 8 -3.25 31.02 7.52
N LYS A 9 -3.84 31.84 6.65
CA LYS A 9 -4.03 31.44 5.26
C LYS A 9 -2.71 31.58 4.51
N VAL A 10 -2.14 30.46 4.10
CA VAL A 10 -0.83 30.44 3.46
C VAL A 10 -0.76 31.44 2.30
N GLU A 11 -1.85 31.54 1.54
CA GLU A 11 -1.88 32.38 0.35
C GLU A 11 -1.98 33.87 0.65
N ASP A 12 -2.10 34.21 1.92
CA ASP A 12 -1.97 35.61 2.32
C ASP A 12 -0.49 36.01 2.27
N PHE A 13 0.39 35.02 2.44
CA PHE A 13 1.82 35.27 2.53
C PHE A 13 2.63 34.77 1.34
N TYR A 14 2.04 33.93 0.51
CA TYR A 14 2.74 33.34 -0.62
C TYR A 14 1.90 33.41 -1.87
N ASP A 15 2.54 33.75 -2.99
CA ASP A 15 1.90 33.58 -4.29
C ASP A 15 2.07 32.13 -4.72
N ILE A 16 0.95 31.45 -4.92
CA ILE A 16 1.00 30.03 -5.26
C ILE A 16 1.07 29.80 -6.77
N GLY A 17 2.08 29.05 -7.21
CA GLY A 17 2.35 28.82 -8.63
C GLY A 17 2.12 27.41 -9.15
N GLU A 18 2.89 27.01 -10.16
CA GLU A 18 2.63 25.78 -10.89
C GLU A 18 3.02 24.51 -10.13
N GLU A 19 2.29 23.44 -10.39
CA GLU A 19 2.47 22.19 -9.66
C GLU A 19 3.83 21.52 -9.91
N LEU A 20 4.43 21.00 -8.85
CA LEU A 20 5.72 20.34 -8.92
C LEU A 20 5.57 18.82 -8.89
N GLY A 21 4.35 18.37 -8.71
CA GLY A 21 4.09 16.95 -8.58
C GLY A 21 3.05 16.75 -7.49
N SER A 22 2.63 15.51 -7.30
CA SER A 22 1.62 15.23 -6.29
C SER A 22 1.61 13.76 -5.93
N GLY A 23 2.07 13.45 -4.73
CA GLY A 23 1.94 12.11 -4.20
C GLY A 23 0.47 11.80 -4.06
N GLN A 24 0.16 10.73 -3.35
CA GLN A 24 -1.23 10.38 -3.12
C GLN A 24 -1.65 10.92 -1.76
N PHE A 25 -0.72 11.59 -1.09
CA PHE A 25 -0.97 12.14 0.23
C PHE A 25 -0.46 13.56 0.39
N ALA A 26 0.03 14.12 -0.69
CA ALA A 26 0.44 15.52 -0.71
C ALA A 26 0.36 16.07 -2.13
N ILE A 27 0.26 17.38 -2.24
CA ILE A 27 0.36 18.05 -3.53
C ILE A 27 1.36 19.18 -3.35
N VAL A 28 2.38 19.20 -4.21
CA VAL A 28 3.44 20.19 -4.12
C VAL A 28 3.36 21.23 -5.24
N LYS A 29 3.54 22.49 -4.90
CA LYS A 29 3.45 23.57 -5.87
C LYS A 29 4.52 24.63 -5.63
N LYS A 30 5.01 25.23 -6.71
CA LYS A 30 5.95 26.35 -6.58
C LYS A 30 5.26 27.47 -5.84
N CYS A 31 6.01 28.23 -5.07
CA CYS A 31 5.47 29.43 -4.44
C CYS A 31 6.58 30.43 -4.22
N ARG A 32 6.19 31.63 -3.82
CA ARG A 32 7.12 32.72 -3.60
C ARG A 32 6.59 33.54 -2.42
N GLU A 33 7.42 33.73 -1.40
CA GLU A 33 7.04 34.53 -0.24
C GLU A 33 6.89 36.01 -0.61
N LYS A 34 5.73 36.57 -0.35
CA LYS A 34 5.42 37.93 -0.79
C LYS A 34 6.36 38.97 -0.19
N SER A 35 6.66 38.81 1.10
CA SER A 35 7.49 39.78 1.81
C SER A 35 8.95 39.81 1.32
N THR A 36 9.44 38.71 0.76
CA THR A 36 10.86 38.63 0.39
C THR A 36 11.11 38.44 -1.10
N GLY A 37 10.20 37.75 -1.79
CA GLY A 37 10.38 37.46 -3.19
C GLY A 37 11.17 36.19 -3.44
N LEU A 38 11.51 35.48 -2.37
CA LEU A 38 12.24 34.22 -2.47
C LEU A 38 11.30 33.06 -2.81
N GLU A 39 11.77 32.14 -3.65
CA GLU A 39 10.97 31.01 -4.10
C GLU A 39 11.09 29.79 -3.20
N TYR A 40 10.00 29.05 -3.07
CA TYR A 40 9.96 27.83 -2.27
C TYR A 40 8.97 26.85 -2.88
N ALA A 41 8.90 25.66 -2.29
CA ALA A 41 7.87 24.69 -2.64
C ALA A 41 6.86 24.60 -1.50
N ALA A 42 5.58 24.60 -1.84
CA ALA A 42 4.52 24.44 -0.85
C ALA A 42 3.92 23.04 -0.95
N LYS A 43 4.12 22.26 0.10
CA LYS A 43 3.67 20.88 0.17
C LYS A 43 2.37 20.78 0.97
N PHE A 44 1.24 20.80 0.28
CA PHE A 44 -0.07 20.68 0.92
C PHE A 44 -0.36 19.24 1.34
N ILE A 45 -0.43 19.00 2.65
CA ILE A 45 -0.82 17.68 3.14
C ILE A 45 -2.25 17.67 3.67
N LYS A 46 -3.07 16.82 3.07
CA LYS A 46 -4.45 16.63 3.48
C LYS A 46 -4.50 15.92 4.83
N LYS A 47 -5.14 16.55 5.81
CA LYS A 47 -5.29 15.96 7.13
C LYS A 47 -6.36 14.87 7.13
N ARG A 48 -6.04 13.73 7.74
N ARG A 48 -6.04 13.73 7.74
CA ARG A 48 -6.98 12.61 7.86
CA ARG A 48 -6.98 12.62 7.88
C ARG A 48 -8.12 12.99 8.80
C ARG A 48 -8.13 13.01 8.81
N GLN A 49 -9.35 12.78 8.37
CA GLN A 49 -10.51 13.23 9.11
C GLN A 49 -11.13 12.21 10.07
N SER A 50 -10.89 10.93 9.84
CA SER A 50 -11.36 9.90 10.76
C SER A 50 -10.32 8.81 10.95
N ARG A 51 -10.44 8.05 12.03
CA ARG A 51 -9.45 7.01 12.32
C ARG A 51 -9.43 5.88 11.29
N ALA A 52 -10.59 5.50 10.79
CA ALA A 52 -10.71 4.39 9.86
C ALA A 52 -10.42 4.83 8.43
N SER A 53 -10.43 6.15 8.21
CA SER A 53 -10.27 6.71 6.87
C SER A 53 -8.93 6.36 6.24
N ARG A 54 -8.96 6.12 4.93
CA ARG A 54 -7.76 5.79 4.18
C ARG A 54 -7.31 7.01 3.38
N ARG A 55 -8.01 8.13 3.55
CA ARG A 55 -7.67 9.38 2.88
C ARG A 55 -6.95 10.35 3.82
N GLY A 56 -5.94 11.04 3.32
CA GLY A 56 -5.22 12.02 4.11
C GLY A 56 -4.18 11.42 5.04
N VAL A 57 -3.58 12.27 5.88
CA VAL A 57 -2.58 11.85 6.83
C VAL A 57 -2.98 12.29 8.24
N CYS A 58 -2.81 11.41 9.22
CA CYS A 58 -3.14 11.78 10.60
C CYS A 58 -2.14 12.81 11.09
N ARG A 59 -2.62 13.82 11.80
CA ARG A 59 -1.78 14.95 12.16
C ARG A 59 -0.58 14.55 13.01
N GLU A 60 -0.67 13.41 13.70
CA GLU A 60 0.46 12.90 14.46
C GLU A 60 1.68 12.61 13.59
N GLU A 61 1.46 12.02 12.42
CA GLU A 61 2.55 11.70 11.51
C GLU A 61 3.07 12.92 10.75
N ILE A 62 2.18 13.84 10.41
CA ILE A 62 2.60 15.12 9.86
C ILE A 62 3.51 15.80 10.88
N GLU A 63 3.04 15.92 12.12
CA GLU A 63 3.87 16.48 13.18
C GLU A 63 5.22 15.80 13.21
N ARG A 64 5.24 14.47 13.08
CA ARG A 64 6.50 13.74 13.07
C ARG A 64 7.40 14.20 11.92
N GLU A 65 6.84 14.31 10.72
CA GLU A 65 7.62 14.74 9.57
C GLU A 65 8.20 16.14 9.81
N VAL A 66 7.37 17.05 10.31
CA VAL A 66 7.83 18.41 10.61
C VAL A 66 8.94 18.40 11.67
N SER A 67 8.66 17.74 12.79
CA SER A 67 9.65 17.60 13.86
C SER A 67 11.01 17.11 13.34
N ILE A 68 11.00 16.18 12.39
CA ILE A 68 12.25 15.67 11.82
C ILE A 68 12.92 16.66 10.86
N LEU A 69 12.13 17.30 10.01
CA LEU A 69 12.67 18.31 9.10
C LEU A 69 13.36 19.43 9.88
N ARG A 70 12.77 19.85 10.99
CA ARG A 70 13.33 20.93 11.78
C ARG A 70 14.73 20.65 12.34
N GLN A 71 15.10 19.38 12.49
CA GLN A 71 16.41 19.04 13.07
C GLN A 71 17.53 19.00 12.05
N VAL A 72 17.20 19.14 10.77
CA VAL A 72 18.18 18.83 9.73
C VAL A 72 18.59 20.02 8.86
N LEU A 73 19.89 20.29 8.86
CA LEU A 73 20.45 21.29 8.00
C LEU A 73 21.69 20.68 7.40
N HIS A 74 21.64 20.39 6.10
CA HIS A 74 22.75 19.74 5.42
C HIS A 74 22.59 19.93 3.92
N PRO A 75 23.70 20.17 3.22
CA PRO A 75 23.69 20.46 1.79
C PRO A 75 22.95 19.41 0.97
N ASN A 76 22.89 18.16 1.42
CA ASN A 76 22.23 17.11 0.63
C ASN A 76 20.84 16.71 1.15
N ILE A 77 20.24 17.58 1.95
CA ILE A 77 18.94 17.28 2.55
C ILE A 77 18.01 18.48 2.38
N ILE A 78 16.77 18.23 1.97
CA ILE A 78 15.83 19.33 1.75
C ILE A 78 15.71 20.16 3.03
N THR A 79 15.54 21.48 2.88
CA THR A 79 15.53 22.38 4.04
C THR A 79 14.15 22.98 4.29
N LEU A 80 13.64 22.80 5.49
CA LEU A 80 12.33 23.33 5.85
C LEU A 80 12.40 24.83 6.13
N HIS A 81 11.45 25.58 5.59
CA HIS A 81 11.36 27.02 5.79
C HIS A 81 10.23 27.42 6.78
N ASP A 82 9.02 26.86 6.61
CA ASP A 82 7.89 27.23 7.48
C ASP A 82 6.73 26.22 7.42
N VAL A 83 5.73 26.41 8.28
CA VAL A 83 4.54 25.55 8.29
C VAL A 83 3.25 26.35 8.54
N TYR A 84 2.26 26.14 7.69
CA TYR A 84 0.95 26.76 7.87
C TYR A 84 -0.10 25.67 8.00
N GLU A 85 -1.25 26.04 8.56
CA GLU A 85 -2.33 25.09 8.72
C GLU A 85 -3.71 25.72 8.68
N ASN A 86 -4.62 25.11 7.94
CA ASN A 86 -6.03 25.48 7.98
C ASN A 86 -6.89 24.29 8.40
N ARG A 87 -8.16 24.30 8.02
CA ARG A 87 -9.08 23.25 8.44
C ARG A 87 -8.79 21.92 7.74
N THR A 88 -8.46 21.99 6.45
CA THR A 88 -8.27 20.79 5.65
C THR A 88 -6.82 20.31 5.60
N ASP A 89 -5.88 21.24 5.38
CA ASP A 89 -4.49 20.88 5.12
C ASP A 89 -3.52 21.41 6.15
N VAL A 90 -2.37 20.75 6.19
CA VAL A 90 -1.15 21.32 6.74
C VAL A 90 -0.26 21.63 5.53
N VAL A 91 0.34 22.81 5.51
CA VAL A 91 1.16 23.20 4.38
C VAL A 91 2.61 23.45 4.81
N LEU A 92 3.51 22.63 4.31
CA LEU A 92 4.93 22.79 4.58
C LEU A 92 5.56 23.63 3.49
N ILE A 93 6.26 24.69 3.89
CA ILE A 93 7.01 25.50 2.94
C ILE A 93 8.43 24.99 2.98
N LEU A 94 8.90 24.46 1.85
CA LEU A 94 10.20 23.81 1.81
C LEU A 94 11.09 24.42 0.73
N GLU A 95 12.40 24.29 0.91
CA GLU A 95 13.37 24.65 -0.12
C GLU A 95 12.91 24.12 -1.48
N LEU A 96 12.92 24.98 -2.49
CA LEU A 96 12.59 24.56 -3.85
C LEU A 96 13.71 23.72 -4.46
N VAL A 97 13.40 22.46 -4.74
CA VAL A 97 14.29 21.56 -5.45
C VAL A 97 13.67 21.30 -6.83
N SER A 98 14.14 22.05 -7.83
CA SER A 98 13.49 22.08 -9.15
C SER A 98 14.21 21.29 -10.25
N GLY A 99 15.35 20.68 -9.94
CA GLY A 99 16.20 20.12 -10.98
C GLY A 99 15.80 18.79 -11.58
N GLY A 100 14.70 18.22 -11.10
CA GLY A 100 14.28 16.90 -11.55
C GLY A 100 15.02 15.80 -10.81
N GLU A 101 14.70 14.55 -11.14
CA GLU A 101 15.35 13.39 -10.53
C GLU A 101 16.77 13.17 -11.01
N LEU A 102 17.61 12.61 -10.13
CA LEU A 102 18.95 12.20 -10.52
C LEU A 102 18.90 11.25 -11.71
N PHE A 103 18.08 10.21 -11.60
CA PHE A 103 18.01 9.19 -12.64
C PHE A 103 17.69 9.80 -14.00
N ASP A 104 16.82 10.80 -14.02
N ASP A 104 16.78 10.77 -14.00
CA ASP A 104 16.47 11.40 -15.30
CA ASP A 104 16.44 11.51 -15.20
C ASP A 104 17.59 12.29 -15.88
C ASP A 104 17.72 12.08 -15.84
N PHE A 105 18.50 12.79 -15.03
CA PHE A 105 19.70 13.46 -15.50
C PHE A 105 20.66 12.45 -16.13
N LEU A 106 20.90 11.35 -15.44
CA LEU A 106 21.81 10.32 -15.93
C LEU A 106 21.30 9.70 -17.23
N ALA A 107 19.99 9.54 -17.35
CA ALA A 107 19.40 8.93 -18.54
C ALA A 107 19.72 9.72 -19.81
N GLN A 108 20.29 10.92 -19.66
CA GLN A 108 20.60 11.76 -20.81
C GLN A 108 22.09 11.84 -21.09
N LYS A 109 22.89 11.21 -20.24
CA LYS A 109 24.32 11.21 -20.45
C LYS A 109 24.69 10.29 -21.61
N GLU A 110 25.83 10.57 -22.25
CA GLU A 110 26.28 9.74 -23.36
C GLU A 110 27.42 8.86 -22.89
N SER A 111 27.99 9.22 -21.76
CA SER A 111 28.98 8.38 -21.11
C SER A 111 28.98 8.64 -19.61
N LEU A 112 29.26 7.59 -18.84
CA LEU A 112 29.29 7.68 -17.40
C LEU A 112 30.16 6.58 -16.83
N SER A 113 31.28 6.96 -16.22
CA SER A 113 32.18 5.99 -15.62
C SER A 113 31.76 5.72 -14.16
N GLU A 114 32.30 4.64 -13.59
CA GLU A 114 32.03 4.35 -12.18
C GLU A 114 32.58 5.45 -11.28
N GLU A 115 33.65 6.11 -11.73
CA GLU A 115 34.21 7.23 -10.96
C GLU A 115 33.16 8.32 -10.81
N GLU A 116 32.57 8.74 -11.94
CA GLU A 116 31.51 9.73 -11.93
C GLU A 116 30.32 9.21 -11.15
N ALA A 117 29.99 7.94 -11.38
CA ALA A 117 28.88 7.34 -10.66
C ALA A 117 29.07 7.45 -9.15
N THR A 118 30.22 6.98 -8.66
CA THR A 118 30.46 7.00 -7.21
C THR A 118 30.39 8.41 -6.63
N SER A 119 30.69 9.42 -7.44
CA SER A 119 30.67 10.79 -6.93
C SER A 119 29.23 11.23 -6.65
N PHE A 120 28.28 10.79 -7.46
CA PHE A 120 26.87 11.05 -7.14
C PHE A 120 26.44 10.22 -5.95
N ILE A 121 26.86 8.96 -5.92
CA ILE A 121 26.47 8.09 -4.82
C ILE A 121 27.00 8.62 -3.48
N LYS A 122 28.19 9.20 -3.49
CA LYS A 122 28.75 9.77 -2.27
C LYS A 122 27.91 10.93 -1.73
N GLN A 123 27.40 11.79 -2.63
CA GLN A 123 26.48 12.85 -2.22
C GLN A 123 25.31 12.26 -1.40
N ILE A 124 24.75 11.15 -1.87
CA ILE A 124 23.66 10.46 -1.18
C ILE A 124 24.11 9.92 0.17
N LEU A 125 25.32 9.36 0.20
CA LEU A 125 25.85 8.80 1.43
C LEU A 125 26.14 9.89 2.46
N ASP A 126 26.54 11.08 1.97
CA ASP A 126 26.77 12.22 2.86
C ASP A 126 25.48 12.62 3.55
N GLY A 127 24.41 12.72 2.77
CA GLY A 127 23.11 13.07 3.29
C GLY A 127 22.63 12.07 4.33
N VAL A 128 22.71 10.79 3.98
CA VAL A 128 22.25 9.72 4.86
C VAL A 128 23.15 9.56 6.09
N ASN A 129 24.45 9.74 5.92
CA ASN A 129 25.35 9.73 7.06
C ASN A 129 24.92 10.76 8.09
N TYR A 130 24.64 11.97 7.62
CA TYR A 130 24.16 13.05 8.48
C TYR A 130 22.90 12.66 9.28
N LEU A 131 21.90 12.08 8.60
CA LEU A 131 20.67 11.68 9.27
C LEU A 131 20.93 10.60 10.30
N HIS A 132 21.65 9.56 9.88
CA HIS A 132 21.99 8.44 10.77
C HIS A 132 22.77 8.85 12.02
N THR A 133 23.67 9.82 11.86
CA THR A 133 24.41 10.35 12.99
C THR A 133 23.43 10.95 13.99
N LYS A 134 22.38 11.58 13.47
CA LYS A 134 21.32 12.14 14.30
C LYS A 134 20.25 11.11 14.66
N LYS A 135 20.52 9.85 14.33
CA LYS A 135 19.65 8.74 14.70
C LYS A 135 18.34 8.76 13.91
N ILE A 136 18.37 9.42 12.76
CA ILE A 136 17.19 9.56 11.90
C ILE A 136 17.21 8.56 10.75
N ALA A 137 16.15 7.76 10.64
CA ALA A 137 15.98 6.83 9.53
C ALA A 137 15.04 7.44 8.49
N HIS A 138 15.46 7.48 7.22
CA HIS A 138 14.64 8.07 6.16
C HIS A 138 13.48 7.13 5.78
N PHE A 139 13.81 5.86 5.56
CA PHE A 139 12.81 4.81 5.33
C PHE A 139 12.08 4.88 4.00
N ASP A 140 12.46 5.82 3.13
CA ASP A 140 11.86 5.88 1.80
C ASP A 140 12.89 6.26 0.76
N LEU A 141 14.09 5.71 0.87
CA LEU A 141 15.11 5.99 -0.13
C LEU A 141 14.82 5.22 -1.41
N LYS A 142 14.61 5.96 -2.50
CA LYS A 142 14.28 5.39 -3.79
C LYS A 142 14.45 6.52 -4.80
N PRO A 143 14.75 6.17 -6.05
CA PRO A 143 15.13 7.17 -7.06
C PRO A 143 14.31 8.46 -7.05
N GLU A 144 12.99 8.38 -6.87
CA GLU A 144 12.17 9.59 -7.00
C GLU A 144 12.27 10.55 -5.82
N ASN A 145 12.88 10.11 -4.72
CA ASN A 145 13.22 11.02 -3.61
C ASN A 145 14.68 11.45 -3.66
N ILE A 146 15.33 11.16 -4.80
CA ILE A 146 16.70 11.63 -5.05
C ILE A 146 16.69 12.63 -6.20
N MET A 147 16.67 13.91 -5.82
CA MET A 147 16.47 15.03 -6.74
C MET A 147 17.71 15.91 -6.88
N LEU A 148 17.63 16.84 -7.84
CA LEU A 148 18.71 17.75 -8.11
C LEU A 148 18.23 19.18 -7.95
N LEU A 149 19.11 20.03 -7.40
CA LEU A 149 18.81 21.45 -7.26
C LEU A 149 18.70 22.10 -8.62
N ASP A 150 19.69 21.84 -9.47
CA ASP A 150 19.79 22.47 -10.77
C ASP A 150 20.45 21.49 -11.74
N LYS A 151 19.68 21.02 -12.72
CA LYS A 151 20.19 20.03 -13.67
C LYS A 151 21.05 20.65 -14.78
N ASN A 152 21.20 21.97 -14.76
CA ASN A 152 21.90 22.69 -15.82
C ASN A 152 23.32 23.14 -15.47
N ILE A 153 23.91 22.57 -14.42
CA ILE A 153 25.31 22.81 -14.14
C ILE A 153 26.09 21.53 -14.38
N PRO A 154 27.39 21.63 -14.66
CA PRO A 154 28.24 20.49 -15.03
C PRO A 154 28.06 19.30 -14.10
N ILE A 155 28.21 19.53 -12.80
CA ILE A 155 27.99 18.48 -11.80
C ILE A 155 26.86 18.87 -10.85
N PRO A 156 25.67 18.32 -11.08
CA PRO A 156 24.44 18.62 -10.32
C PRO A 156 24.55 18.27 -8.84
N HIS A 157 23.80 19.01 -8.03
N HIS A 157 23.88 19.06 -8.01
CA HIS A 157 23.80 18.91 -6.57
CA HIS A 157 23.87 18.84 -6.57
C HIS A 157 22.60 18.10 -6.09
C HIS A 157 22.64 18.04 -6.17
N ILE A 158 22.85 17.00 -5.38
CA ILE A 158 21.76 16.13 -4.93
C ILE A 158 21.11 16.53 -3.61
N LYS A 159 19.78 16.47 -3.58
CA LYS A 159 18.98 16.71 -2.38
C LYS A 159 18.03 15.56 -2.13
N LEU A 160 18.15 14.92 -0.97
CA LEU A 160 17.22 13.88 -0.56
C LEU A 160 15.92 14.54 -0.13
N ILE A 161 14.79 14.10 -0.69
CA ILE A 161 13.51 14.70 -0.33
C ILE A 161 12.55 13.74 0.34
N ASP A 162 11.36 14.25 0.65
CA ASP A 162 10.20 13.47 1.13
C ASP A 162 10.43 12.66 2.40
N PHE A 163 10.30 13.33 3.54
CA PHE A 163 10.49 12.68 4.82
C PHE A 163 9.19 12.15 5.42
N GLY A 164 8.23 11.85 4.56
CA GLY A 164 6.94 11.31 5.00
C GLY A 164 7.03 10.03 5.83
N LEU A 165 8.05 9.22 5.59
CA LEU A 165 8.20 7.95 6.29
C LEU A 165 9.38 7.96 7.28
N ALA A 166 10.08 9.07 7.36
CA ALA A 166 11.26 9.18 8.24
C ALA A 166 10.88 8.99 9.72
N HIS A 167 11.81 8.45 10.50
CA HIS A 167 11.52 8.09 11.89
C HIS A 167 12.81 8.16 12.69
N GLU A 168 12.74 8.72 13.89
CA GLU A 168 13.88 8.71 14.78
C GLU A 168 13.93 7.35 15.47
N ILE A 169 15.13 6.79 15.56
CA ILE A 169 15.30 5.46 16.12
C ILE A 169 15.81 5.57 17.55
N GLU A 170 15.02 5.04 18.49
CA GLU A 170 15.35 5.16 19.90
C GLU A 170 15.90 3.84 20.45
N ASP A 171 17.03 3.92 21.13
CA ASP A 171 17.67 2.74 21.70
C ASP A 171 16.74 1.99 22.65
N GLY A 172 16.71 0.67 22.53
CA GLY A 172 15.88 -0.16 23.39
C GLY A 172 14.39 0.11 23.25
N VAL A 173 14.02 0.78 22.15
CA VAL A 173 12.62 1.01 21.84
C VAL A 173 12.32 0.44 20.45
N GLU A 174 11.46 -0.58 20.42
CA GLU A 174 11.23 -1.31 19.17
C GLU A 174 10.27 -0.59 18.22
N PHE A 175 10.67 -0.49 16.96
CA PHE A 175 9.81 0.09 15.95
C PHE A 175 9.56 -0.91 14.83
N LYS A 176 8.29 -1.25 14.63
CA LYS A 176 7.88 -2.14 13.55
C LYS A 176 6.71 -1.55 12.80
N ASN A 177 6.79 -1.56 11.49
CA ASN A 177 5.72 -1.08 10.66
C ASN A 177 5.93 -1.65 9.25
N ILE A 178 4.90 -1.58 8.42
CA ILE A 178 5.03 -2.01 7.04
C ILE A 178 4.72 -0.83 6.10
N PHE A 179 5.61 -0.58 5.14
CA PHE A 179 5.51 0.61 4.29
C PHE A 179 6.58 0.58 3.21
N GLY A 180 6.50 1.51 2.27
CA GLY A 180 7.53 1.72 1.27
C GLY A 180 7.21 1.08 -0.07
N THR A 181 8.04 1.36 -1.07
CA THR A 181 7.88 0.75 -2.37
C THR A 181 8.55 -0.61 -2.39
N PRO A 182 7.76 -1.68 -2.60
CA PRO A 182 8.25 -3.06 -2.56
C PRO A 182 9.63 -3.22 -3.20
N GLU A 183 9.81 -2.66 -4.39
CA GLU A 183 11.09 -2.77 -5.08
C GLU A 183 12.30 -2.41 -4.18
N PHE A 184 12.12 -1.46 -3.26
CA PHE A 184 13.25 -0.92 -2.50
C PHE A 184 13.30 -1.22 -1.00
N VAL A 185 12.35 -1.99 -0.49
CA VAL A 185 12.29 -2.24 0.95
C VAL A 185 13.20 -3.38 1.41
N ALA A 186 13.73 -3.25 2.61
CA ALA A 186 14.59 -4.28 3.21
C ALA A 186 13.78 -5.50 3.66
N PRO A 187 14.46 -6.64 3.83
CA PRO A 187 13.75 -7.85 4.25
C PRO A 187 13.05 -7.71 5.60
N GLU A 188 13.55 -6.83 6.47
CA GLU A 188 12.93 -6.70 7.79
C GLU A 188 11.60 -5.95 7.74
N ILE A 189 11.36 -5.26 6.63
CA ILE A 189 10.09 -4.58 6.42
C ILE A 189 9.07 -5.60 5.94
N VAL A 190 9.43 -6.36 4.90
CA VAL A 190 8.54 -7.41 4.42
C VAL A 190 8.24 -8.40 5.55
N ASN A 191 9.26 -8.76 6.33
CA ASN A 191 9.11 -9.75 7.40
C ASN A 191 8.54 -9.20 8.70
N TYR A 192 8.22 -7.91 8.74
CA TYR A 192 7.66 -7.28 9.94
C TYR A 192 8.56 -7.56 11.14
N GLU A 193 9.85 -7.26 10.98
CA GLU A 193 10.82 -7.41 12.05
C GLU A 193 11.25 -6.02 12.54
N PRO A 194 12.06 -5.96 13.61
CA PRO A 194 12.50 -4.65 14.12
C PRO A 194 13.28 -3.83 13.09
N LEU A 195 12.85 -2.58 12.91
CA LEU A 195 13.47 -1.70 11.94
C LEU A 195 14.46 -0.75 12.60
N GLY A 196 15.47 -0.33 11.82
CA GLY A 196 16.52 0.55 12.32
C GLY A 196 17.16 1.30 11.16
N LEU A 197 18.37 1.81 11.39
CA LEU A 197 19.08 2.57 10.37
C LEU A 197 19.55 1.67 9.21
N GLU A 198 19.44 0.34 9.41
CA GLU A 198 19.94 -0.62 8.42
C GLU A 198 19.09 -0.63 7.16
N ALA A 199 17.78 -0.47 7.30
CA ALA A 199 16.90 -0.50 6.14
C ALA A 199 17.36 0.47 5.07
N ASP A 200 17.76 1.66 5.49
CA ASP A 200 18.29 2.67 4.57
C ASP A 200 19.49 2.13 3.80
N MET A 201 20.35 1.36 4.48
CA MET A 201 21.54 0.82 3.84
C MET A 201 21.18 -0.22 2.77
N TRP A 202 20.15 -1.01 3.04
CA TRP A 202 19.64 -1.94 2.05
C TRP A 202 19.20 -1.19 0.80
N SER A 203 18.39 -0.15 0.99
CA SER A 203 17.89 0.67 -0.13
C SER A 203 19.03 1.23 -0.99
N ILE A 204 20.09 1.66 -0.32
CA ILE A 204 21.25 2.21 -1.02
C ILE A 204 21.86 1.18 -1.97
N GLY A 205 21.96 -0.07 -1.53
CA GLY A 205 22.43 -1.15 -2.38
C GLY A 205 21.56 -1.34 -3.62
N VAL A 206 20.24 -1.41 -3.41
CA VAL A 206 19.29 -1.56 -4.51
C VAL A 206 19.37 -0.40 -5.50
N ILE A 207 19.45 0.82 -4.99
CA ILE A 207 19.63 1.97 -5.87
C ILE A 207 20.96 1.95 -6.62
N THR A 208 22.01 1.49 -5.96
CA THR A 208 23.32 1.42 -6.59
C THR A 208 23.30 0.38 -7.72
N TYR A 209 22.72 -0.78 -7.41
CA TYR A 209 22.55 -1.85 -8.38
C TYR A 209 21.88 -1.35 -9.67
N ILE A 210 20.80 -0.59 -9.53
CA ILE A 210 20.06 -0.08 -10.68
C ILE A 210 20.83 0.99 -11.45
N LEU A 211 21.52 1.86 -10.71
CA LEU A 211 22.27 2.95 -11.33
C LEU A 211 23.37 2.39 -12.24
N LEU A 212 24.01 1.32 -11.80
CA LEU A 212 25.13 0.78 -12.54
C LEU A 212 24.71 -0.06 -13.75
N SER A 213 23.52 -0.66 -13.71
CA SER A 213 23.22 -1.75 -14.62
C SER A 213 21.93 -1.61 -15.41
N GLY A 214 20.96 -0.89 -14.85
CA GLY A 214 19.65 -0.76 -15.47
C GLY A 214 18.68 -1.80 -14.95
N ALA A 215 19.23 -2.94 -14.53
CA ALA A 215 18.43 -4.00 -13.93
C ALA A 215 18.08 -3.70 -12.46
N SER A 216 17.06 -4.37 -11.96
CA SER A 216 16.67 -4.25 -10.55
C SER A 216 16.84 -5.62 -9.90
N PRO A 217 17.54 -5.68 -8.76
CA PRO A 217 17.96 -6.94 -8.14
C PRO A 217 16.82 -7.89 -7.76
N PHE A 218 15.74 -7.36 -7.19
CA PHE A 218 14.70 -8.23 -6.61
C PHE A 218 13.37 -8.15 -7.35
N LEU A 219 13.21 -7.14 -8.21
CA LEU A 219 11.95 -6.92 -8.90
C LEU A 219 11.50 -8.16 -9.66
N GLY A 220 10.31 -8.68 -9.33
CA GLY A 220 9.70 -9.79 -10.03
C GLY A 220 8.56 -9.32 -10.93
N ASP A 221 7.83 -10.25 -11.54
CA ASP A 221 6.71 -9.91 -12.42
C ASP A 221 5.47 -9.43 -11.65
N THR A 222 5.37 -9.81 -10.39
CA THR A 222 4.29 -9.37 -9.51
C THR A 222 4.89 -9.01 -8.15
N LYS A 223 4.10 -8.33 -7.32
CA LYS A 223 4.56 -7.96 -5.98
C LYS A 223 4.88 -9.22 -5.17
N GLN A 224 4.05 -10.23 -5.32
CA GLN A 224 4.27 -11.50 -4.63
C GLN A 224 5.69 -11.99 -4.92
N GLU A 225 6.12 -11.91 -6.17
CA GLU A 225 7.47 -12.32 -6.54
C GLU A 225 8.56 -11.42 -5.95
N THR A 226 8.36 -10.11 -6.03
CA THR A 226 9.33 -9.15 -5.50
C THR A 226 9.61 -9.41 -4.02
N LEU A 227 8.55 -9.58 -3.25
CA LEU A 227 8.68 -9.84 -1.81
C LEU A 227 9.39 -11.16 -1.52
N ALA A 228 9.11 -12.19 -2.30
CA ALA A 228 9.75 -13.47 -2.10
C ALA A 228 11.26 -13.39 -2.41
N ASN A 229 11.60 -12.67 -3.47
CA ASN A 229 13.02 -12.48 -3.82
C ASN A 229 13.74 -11.70 -2.73
N ILE A 230 13.09 -10.68 -2.20
CA ILE A 230 13.69 -9.86 -1.15
C ILE A 230 14.03 -10.72 0.05
N THR A 231 13.07 -11.53 0.47
CA THR A 231 13.21 -12.24 1.73
C THR A 231 14.12 -13.48 1.59
N ALA A 232 14.24 -13.98 0.37
CA ALA A 232 15.21 -15.02 0.08
C ALA A 232 16.54 -14.40 -0.34
N VAL A 233 16.58 -13.07 -0.36
CA VAL A 233 17.78 -12.37 -0.83
C VAL A 233 18.23 -12.98 -2.15
N SER A 234 17.30 -13.09 -3.09
CA SER A 234 17.55 -13.76 -4.37
C SER A 234 17.84 -12.74 -5.45
N TYR A 235 19.09 -12.70 -5.91
CA TYR A 235 19.50 -11.80 -7.00
C TYR A 235 20.81 -12.27 -7.60
N ASP A 236 21.15 -11.73 -8.77
N ASP A 236 21.14 -11.72 -8.77
CA ASP A 236 22.40 -12.09 -9.42
CA ASP A 236 22.38 -12.09 -9.45
C ASP A 236 23.04 -10.88 -10.09
C ASP A 236 23.06 -10.86 -10.05
N PHE A 237 24.29 -11.05 -10.50
CA PHE A 237 24.97 -10.04 -11.30
C PHE A 237 25.07 -10.57 -12.73
N ASP A 238 23.93 -10.60 -13.44
CA ASP A 238 23.89 -11.05 -14.83
C ASP A 238 24.99 -10.40 -15.69
N GLU A 239 25.82 -11.23 -16.31
CA GLU A 239 26.86 -10.72 -17.20
C GLU A 239 26.25 -9.93 -18.35
N GLU A 240 24.99 -10.20 -18.66
CA GLU A 240 24.34 -9.44 -19.71
C GLU A 240 24.40 -7.95 -19.38
N PHE A 241 24.31 -7.61 -18.10
CA PHE A 241 24.24 -6.21 -17.67
C PHE A 241 25.45 -5.76 -16.86
N PHE A 242 26.16 -6.71 -16.25
CA PHE A 242 27.25 -6.37 -15.34
C PHE A 242 28.67 -6.62 -15.88
N SER A 243 28.82 -6.97 -17.16
CA SER A 243 30.12 -7.37 -17.70
C SER A 243 31.20 -6.26 -17.71
N GLN A 244 30.79 -5.02 -17.48
CA GLN A 244 31.73 -3.91 -17.47
C GLN A 244 31.81 -3.27 -16.09
N THR A 245 31.21 -3.94 -15.10
CA THR A 245 31.14 -3.44 -13.74
C THR A 245 32.32 -4.01 -12.96
N SER A 246 32.95 -3.18 -12.14
CA SER A 246 34.14 -3.60 -11.38
C SER A 246 33.78 -4.53 -10.23
N GLU A 247 34.75 -5.34 -9.79
CA GLU A 247 34.57 -6.17 -8.59
C GLU A 247 34.32 -5.32 -7.35
N LEU A 248 34.99 -4.17 -7.30
CA LEU A 248 34.79 -3.23 -6.20
C LEU A 248 33.33 -2.84 -6.09
N ALA A 249 32.74 -2.48 -7.22
CA ALA A 249 31.33 -2.13 -7.25
C ALA A 249 30.47 -3.26 -6.69
N LYS A 250 30.65 -4.47 -7.22
CA LYS A 250 29.85 -5.62 -6.80
C LYS A 250 30.05 -5.94 -5.33
N ASP A 251 31.26 -5.74 -4.83
CA ASP A 251 31.57 -6.00 -3.42
C ASP A 251 30.81 -5.01 -2.54
N PHE A 252 30.69 -3.78 -3.04
CA PHE A 252 29.96 -2.74 -2.34
C PHE A 252 28.49 -3.14 -2.22
N ILE A 253 27.92 -3.52 -3.37
CA ILE A 253 26.54 -3.96 -3.45
C ILE A 253 26.29 -5.19 -2.57
N ARG A 254 27.14 -6.20 -2.75
CA ARG A 254 27.04 -7.46 -2.02
C ARG A 254 26.96 -7.27 -0.51
N LYS A 255 27.73 -6.31 0.01
CA LYS A 255 27.79 -6.07 1.44
C LYS A 255 26.60 -5.25 1.96
N LEU A 256 25.80 -4.70 1.05
CA LEU A 256 24.60 -3.97 1.42
C LEU A 256 23.35 -4.87 1.32
N LEU A 257 23.30 -5.71 0.30
CA LEU A 257 22.15 -6.59 0.10
C LEU A 257 22.30 -7.86 0.94
N VAL A 258 22.25 -7.67 2.25
CA VAL A 258 22.41 -8.75 3.24
C VAL A 258 21.19 -8.75 4.18
N LYS A 259 20.66 -9.93 4.48
CA LYS A 259 19.46 -10.01 5.33
C LYS A 259 19.74 -9.63 6.77
N GLU A 260 20.74 -10.26 7.37
CA GLU A 260 21.13 -9.99 8.77
C GLU A 260 21.48 -8.51 8.96
N THR A 261 20.66 -7.81 9.74
CA THR A 261 20.84 -6.37 9.91
C THR A 261 22.21 -6.00 10.47
N ARG A 262 22.79 -6.88 11.29
CA ARG A 262 24.05 -6.54 11.96
C ARG A 262 25.28 -6.82 11.11
N LYS A 263 25.11 -7.56 10.02
CA LYS A 263 26.23 -7.81 9.10
C LYS A 263 26.24 -6.82 7.92
N ARG A 264 25.11 -6.15 7.70
CA ARG A 264 25.01 -5.13 6.66
C ARG A 264 25.98 -3.98 6.95
N LEU A 265 26.68 -3.47 5.94
CA LEU A 265 27.54 -2.30 6.13
C LEU A 265 26.74 -1.13 6.73
N THR A 266 27.31 -0.45 7.72
CA THR A 266 26.72 0.78 8.23
C THR A 266 27.04 1.90 7.27
N ILE A 267 26.55 3.11 7.56
CA ILE A 267 26.75 4.24 6.68
C ILE A 267 28.22 4.68 6.68
N GLN A 268 28.86 4.59 7.84
N GLN A 268 28.90 4.61 7.81
CA GLN A 268 30.27 4.95 7.99
CA GLN A 268 30.31 5.01 7.85
C GLN A 268 31.15 3.99 7.19
C GLN A 268 31.16 3.98 7.12
N GLU A 269 30.80 2.71 7.23
CA GLU A 269 31.51 1.66 6.51
C GLU A 269 31.34 1.78 5.01
N ALA A 270 30.13 2.16 4.59
CA ALA A 270 29.87 2.43 3.18
C ALA A 270 30.74 3.58 2.67
N LEU A 271 30.80 4.67 3.43
CA LEU A 271 31.63 5.82 3.07
C LEU A 271 33.11 5.43 2.94
N ARG A 272 33.53 4.44 3.71
CA ARG A 272 34.93 4.02 3.75
C ARG A 272 35.23 2.81 2.87
N HIS A 273 34.23 2.28 2.20
CA HIS A 273 34.45 1.19 1.28
C HIS A 273 35.39 1.64 0.16
N PRO A 274 36.30 0.75 -0.25
CA PRO A 274 37.25 1.18 -1.28
C PRO A 274 36.59 1.66 -2.58
N TRP A 275 35.38 1.20 -2.91
CA TRP A 275 34.73 1.66 -4.14
C TRP A 275 34.24 3.11 -4.05
N ILE A 276 33.96 3.58 -2.82
CA ILE A 276 33.63 4.97 -2.62
C ILE A 276 34.89 5.80 -2.32
N THR A 277 35.80 5.21 -1.53
CA THR A 277 37.01 5.91 -1.09
C THR A 277 38.22 5.03 -1.31
N PRO A 278 38.75 5.04 -2.55
CA PRO A 278 39.95 4.29 -2.92
C PRO A 278 41.12 4.58 -1.99
N VAL A 279 41.87 3.57 -1.59
CA VAL A 279 43.00 3.79 -0.70
C VAL A 279 44.34 3.71 -1.44
N ASP A 280 44.29 3.54 -2.76
CA ASP A 280 45.50 3.52 -3.60
C ASP A 280 45.19 3.79 -5.06
N THR A 281 46.23 4.07 -5.84
CA THR A 281 46.12 4.45 -7.24
C THR A 281 45.46 3.35 -8.08
N GLN A 282 45.83 2.11 -7.78
CA GLN A 282 45.35 0.99 -8.54
C GLN A 282 43.81 0.94 -8.54
N GLN A 283 43.22 1.01 -7.35
CA GLN A 283 41.77 0.97 -7.24
C GLN A 283 41.10 2.12 -7.99
N ALA A 284 41.72 3.30 -7.94
CA ALA A 284 41.13 4.47 -8.58
C ALA A 284 41.11 4.29 -10.11
N MET A 285 42.13 3.59 -10.64
CA MET A 285 42.23 3.36 -12.07
C MET A 285 41.13 2.41 -12.52
N VAL A 286 40.97 1.31 -11.78
CA VAL A 286 39.97 0.30 -12.12
C VAL A 286 38.61 0.96 -12.23
N ARG A 287 38.25 1.71 -11.19
CA ARG A 287 36.99 2.44 -11.15
C ARG A 287 36.85 3.37 -12.37
N ARG A 288 37.94 4.05 -12.69
CA ARG A 288 37.99 4.95 -13.83
C ARG A 288 37.71 4.18 -15.13
N GLU A 289 38.12 2.92 -15.16
CA GLU A 289 38.06 2.13 -16.39
C GLU A 289 36.77 1.31 -16.50
N SER A 290 35.92 1.40 -15.49
CA SER A 290 34.65 0.69 -15.50
C SER A 290 33.55 1.65 -15.89
N VAL A 291 32.67 1.21 -16.78
CA VAL A 291 31.64 2.11 -17.28
C VAL A 291 30.25 1.64 -16.83
N VAL A 292 29.36 2.60 -16.59
CA VAL A 292 27.95 2.31 -16.30
C VAL A 292 27.25 1.78 -17.54
N ASN A 293 26.27 0.90 -17.36
CA ASN A 293 25.50 0.41 -18.49
C ASN A 293 24.44 1.42 -18.94
N LEU A 294 24.89 2.53 -19.52
CA LEU A 294 23.95 3.59 -19.89
C LEU A 294 22.82 3.07 -20.78
N GLU A 295 23.16 2.21 -21.73
N GLU A 295 23.17 2.20 -21.72
CA GLU A 295 22.16 1.71 -22.69
CA GLU A 295 22.19 1.67 -22.67
C GLU A 295 20.99 0.99 -22.01
C GLU A 295 21.01 1.04 -21.97
N ASN A 296 21.29 0.06 -21.09
CA ASN A 296 20.22 -0.62 -20.37
C ASN A 296 19.57 0.30 -19.34
N PHE A 297 20.36 1.17 -18.74
CA PHE A 297 19.81 2.12 -17.78
C PHE A 297 18.77 3.00 -18.43
N LYS A 298 19.14 3.64 -19.54
CA LYS A 298 18.21 4.49 -20.28
C LYS A 298 16.92 3.73 -20.61
N LYS A 299 17.09 2.48 -21.01
CA LYS A 299 15.97 1.68 -21.48
C LYS A 299 14.97 1.32 -20.38
N GLN A 300 15.48 0.91 -19.23
CA GLN A 300 14.62 0.54 -18.12
C GLN A 300 13.96 1.76 -17.49
N TYR A 301 14.57 2.92 -17.66
CA TYR A 301 14.05 4.13 -17.05
C TYR A 301 13.43 5.12 -18.02
N VAL A 302 12.84 4.58 -19.09
CA VAL A 302 11.98 5.34 -19.98
C VAL A 302 10.89 4.45 -20.57
N THR B 4 -8.59 -15.79 -22.13
CA THR B 4 -8.74 -15.07 -23.40
C THR B 4 -9.87 -14.04 -23.35
N PHE B 5 -9.58 -12.83 -23.86
CA PHE B 5 -10.50 -11.71 -23.80
C PHE B 5 -10.89 -11.25 -25.21
N LYS B 6 -12.17 -10.90 -25.41
CA LYS B 6 -12.60 -10.41 -26.73
C LYS B 6 -11.80 -9.19 -27.17
N GLN B 7 -11.08 -9.34 -28.28
CA GLN B 7 -10.28 -8.25 -28.84
C GLN B 7 -11.12 -7.32 -29.71
N GLN B 8 -12.19 -6.77 -29.12
CA GLN B 8 -13.06 -5.83 -29.84
C GLN B 8 -13.28 -4.57 -29.03
N LYS B 9 -13.78 -3.53 -29.70
CA LYS B 9 -14.12 -2.28 -29.02
C LYS B 9 -15.39 -2.45 -28.20
N VAL B 10 -15.26 -2.32 -26.89
CA VAL B 10 -16.39 -2.51 -26.01
C VAL B 10 -17.61 -1.70 -26.44
N GLU B 11 -17.40 -0.44 -26.80
CA GLU B 11 -18.52 0.44 -27.13
C GLU B 11 -19.17 0.14 -28.48
N ASP B 12 -18.62 -0.80 -29.23
CA ASP B 12 -19.31 -1.30 -30.42
C ASP B 12 -20.52 -2.11 -30.00
N PHE B 13 -20.46 -2.68 -28.80
CA PHE B 13 -21.50 -3.59 -28.31
C PHE B 13 -22.32 -3.06 -27.13
N TYR B 14 -21.79 -2.05 -26.44
CA TYR B 14 -22.48 -1.46 -25.30
C TYR B 14 -22.62 0.04 -25.43
N ASP B 15 -23.74 0.57 -24.96
CA ASP B 15 -23.86 2.00 -24.71
C ASP B 15 -23.24 2.27 -23.35
N ILE B 16 -22.22 3.12 -23.33
CA ILE B 16 -21.53 3.44 -22.10
C ILE B 16 -22.16 4.66 -21.45
N GLY B 17 -22.54 4.52 -20.18
CA GLY B 17 -23.25 5.57 -19.48
C GLY B 17 -22.45 6.29 -18.41
N GLU B 18 -23.14 6.67 -17.35
CA GLU B 18 -22.57 7.46 -16.27
C GLU B 18 -21.51 6.69 -15.49
N GLU B 19 -20.53 7.40 -14.94
CA GLU B 19 -19.57 6.79 -14.03
C GLU B 19 -20.25 6.36 -12.74
N LEU B 20 -20.13 5.08 -12.40
CA LEU B 20 -20.74 4.53 -11.20
C LEU B 20 -19.83 4.66 -9.98
N GLY B 21 -18.55 4.45 -10.20
CA GLY B 21 -17.56 4.56 -9.16
C GLY B 21 -16.18 4.52 -9.76
N SER B 22 -15.17 4.57 -8.91
CA SER B 22 -13.78 4.46 -9.35
C SER B 22 -12.84 4.22 -8.17
N GLY B 23 -11.83 3.39 -8.41
CA GLY B 23 -10.83 3.12 -7.40
C GLY B 23 -9.46 3.58 -7.89
N GLN B 24 -8.42 2.96 -7.36
CA GLN B 24 -7.05 3.26 -7.78
C GLN B 24 -6.73 2.55 -9.10
N PHE B 25 -7.37 1.41 -9.31
CA PHE B 25 -7.00 0.52 -10.40
C PHE B 25 -8.16 0.15 -11.31
N ALA B 26 -9.27 0.88 -11.21
CA ALA B 26 -10.45 0.57 -11.98
C ALA B 26 -11.46 1.70 -11.95
N ILE B 27 -12.14 1.90 -13.06
CA ILE B 27 -13.31 2.76 -13.06
C ILE B 27 -14.51 2.04 -13.68
N VAL B 28 -15.67 2.25 -13.07
CA VAL B 28 -16.89 1.59 -13.46
C VAL B 28 -17.89 2.56 -14.04
N LYS B 29 -18.41 2.22 -15.21
CA LYS B 29 -19.47 2.98 -15.83
C LYS B 29 -20.65 2.05 -16.08
N LYS B 30 -21.86 2.55 -15.89
CA LYS B 30 -23.06 1.79 -16.22
C LYS B 30 -23.08 1.61 -17.73
N CYS B 31 -23.59 0.47 -18.21
CA CYS B 31 -23.63 0.21 -19.64
C CYS B 31 -24.86 -0.60 -20.03
N ARG B 32 -25.11 -0.68 -21.33
CA ARG B 32 -26.23 -1.46 -21.84
C ARG B 32 -25.83 -2.17 -23.13
N GLU B 33 -25.98 -3.49 -23.14
CA GLU B 33 -25.71 -4.28 -24.34
C GLU B 33 -26.72 -3.97 -25.43
N LYS B 34 -26.25 -3.59 -26.61
CA LYS B 34 -27.15 -3.17 -27.68
C LYS B 34 -28.07 -4.27 -28.16
N SER B 35 -27.53 -5.47 -28.34
CA SER B 35 -28.31 -6.59 -28.88
C SER B 35 -29.44 -7.06 -27.96
N THR B 36 -29.32 -6.76 -26.67
CA THR B 36 -30.29 -7.26 -25.70
C THR B 36 -31.05 -6.17 -24.96
N GLY B 37 -30.41 -5.02 -24.73
CA GLY B 37 -31.02 -3.96 -23.96
C GLY B 37 -30.83 -4.14 -22.46
N LEU B 38 -30.12 -5.19 -22.09
CA LEU B 38 -29.86 -5.50 -20.69
C LEU B 38 -28.70 -4.65 -20.15
N GLU B 39 -28.81 -4.21 -18.90
CA GLU B 39 -27.81 -3.35 -18.30
C GLU B 39 -26.81 -4.09 -17.42
N TYR B 40 -25.57 -3.60 -17.38
CA TYR B 40 -24.52 -4.21 -16.59
C TYR B 40 -23.63 -3.09 -16.09
N ALA B 41 -22.56 -3.47 -15.39
CA ALA B 41 -21.51 -2.52 -15.03
C ALA B 41 -20.23 -2.86 -15.79
N ALA B 42 -19.64 -1.86 -16.44
CA ALA B 42 -18.37 -2.05 -17.16
C ALA B 42 -17.18 -1.60 -16.32
N LYS B 43 -16.39 -2.56 -15.89
CA LYS B 43 -15.23 -2.28 -15.04
C LYS B 43 -13.95 -2.14 -15.86
N PHE B 44 -13.56 -0.91 -16.15
CA PHE B 44 -12.35 -0.65 -16.90
C PHE B 44 -11.10 -0.80 -16.00
N ILE B 45 -10.24 -1.75 -16.34
CA ILE B 45 -9.00 -1.92 -15.60
C ILE B 45 -7.80 -1.57 -16.49
N LYS B 46 -7.03 -0.57 -16.07
CA LYS B 46 -5.87 -0.13 -16.84
C LYS B 46 -4.72 -1.14 -16.76
N LYS B 47 -4.21 -1.54 -17.92
CA LYS B 47 -3.12 -2.50 -17.94
C LYS B 47 -1.80 -1.83 -17.55
N ARG B 48 -1.04 -2.49 -16.68
CA ARG B 48 0.29 -2.01 -16.27
C ARG B 48 1.29 -2.18 -17.41
N GLN B 49 2.04 -1.12 -17.69
CA GLN B 49 2.89 -1.11 -18.88
C GLN B 49 4.36 -1.49 -18.66
N SER B 50 4.81 -1.50 -17.41
CA SER B 50 6.17 -1.97 -17.10
C SER B 50 6.22 -2.67 -15.75
N ARG B 51 7.20 -3.55 -15.56
CA ARG B 51 7.28 -4.29 -14.31
C ARG B 51 7.52 -3.38 -13.11
N ALA B 52 8.29 -2.31 -13.32
CA ALA B 52 8.62 -1.39 -12.23
C ALA B 52 7.50 -0.39 -11.98
N SER B 53 6.62 -0.21 -12.96
CA SER B 53 5.54 0.77 -12.81
C SER B 53 4.60 0.46 -11.65
N ARG B 54 4.11 1.50 -11.00
CA ARG B 54 3.21 1.34 -9.88
C ARG B 54 1.77 1.62 -10.29
N ARG B 55 1.58 1.96 -11.57
CA ARG B 55 0.25 2.23 -12.11
C ARG B 55 -0.30 1.08 -12.96
N GLY B 56 -1.60 0.80 -12.80
CA GLY B 56 -2.23 -0.26 -13.55
C GLY B 56 -2.12 -1.62 -12.87
N VAL B 57 -2.75 -2.62 -13.47
CA VAL B 57 -2.68 -3.99 -12.96
C VAL B 57 -2.03 -4.84 -14.05
N CYS B 58 -1.13 -5.74 -13.67
CA CYS B 58 -0.48 -6.57 -14.67
C CYS B 58 -1.47 -7.60 -15.21
N ARG B 59 -1.30 -7.97 -16.48
CA ARG B 59 -2.29 -8.82 -17.14
C ARG B 59 -2.46 -10.14 -16.42
N GLU B 60 -1.37 -10.68 -15.91
CA GLU B 60 -1.42 -11.94 -15.16
C GLU B 60 -2.46 -11.93 -14.04
N GLU B 61 -2.50 -10.85 -13.25
CA GLU B 61 -3.44 -10.75 -12.14
C GLU B 61 -4.86 -10.45 -12.61
N ILE B 62 -4.99 -9.71 -13.70
CA ILE B 62 -6.30 -9.52 -14.31
C ILE B 62 -6.86 -10.87 -14.79
N GLU B 63 -6.02 -11.66 -15.45
CA GLU B 63 -6.40 -13.00 -15.89
C GLU B 63 -6.89 -13.83 -14.70
N ARG B 64 -6.15 -13.75 -13.59
CA ARG B 64 -6.51 -14.50 -12.39
C ARG B 64 -7.90 -14.07 -11.90
N GLU B 65 -8.14 -12.76 -11.84
CA GLU B 65 -9.44 -12.29 -11.39
C GLU B 65 -10.56 -12.80 -12.29
N VAL B 66 -10.33 -12.71 -13.61
CA VAL B 66 -11.31 -13.20 -14.59
C VAL B 66 -11.51 -14.71 -14.45
N SER B 67 -10.41 -15.44 -14.35
CA SER B 67 -10.45 -16.88 -14.21
C SER B 67 -11.29 -17.31 -13.01
N ILE B 68 -11.21 -16.54 -11.93
CA ILE B 68 -11.93 -16.87 -10.70
C ILE B 68 -13.43 -16.56 -10.84
N LEU B 69 -13.73 -15.40 -11.44
CA LEU B 69 -15.10 -14.98 -11.66
C LEU B 69 -15.84 -15.94 -12.59
N ARG B 70 -15.15 -16.49 -13.59
CA ARG B 70 -15.80 -17.45 -14.50
C ARG B 70 -16.21 -18.75 -13.81
N GLN B 71 -15.58 -19.05 -12.67
CA GLN B 71 -15.90 -20.28 -11.94
C GLN B 71 -17.09 -20.17 -10.97
N VAL B 72 -17.60 -18.97 -10.74
CA VAL B 72 -18.52 -18.78 -9.61
C VAL B 72 -19.91 -18.30 -10.00
N LEU B 73 -20.90 -19.14 -9.73
CA LEU B 73 -22.30 -18.75 -9.91
C LEU B 73 -23.06 -19.03 -8.62
N HIS B 74 -23.38 -17.96 -7.89
CA HIS B 74 -24.05 -18.06 -6.62
C HIS B 74 -24.74 -16.73 -6.32
N PRO B 75 -25.96 -16.80 -5.78
CA PRO B 75 -26.78 -15.62 -5.57
C PRO B 75 -26.16 -14.54 -4.69
N ASN B 76 -25.14 -14.88 -3.89
CA ASN B 76 -24.46 -13.86 -3.10
C ASN B 76 -23.07 -13.46 -3.63
N ILE B 77 -22.80 -13.79 -4.88
CA ILE B 77 -21.51 -13.46 -5.51
C ILE B 77 -21.74 -12.74 -6.83
N ILE B 78 -21.04 -11.64 -7.06
CA ILE B 78 -21.22 -10.89 -8.30
C ILE B 78 -20.95 -11.83 -9.48
N THR B 79 -21.75 -11.69 -10.54
CA THR B 79 -21.70 -12.60 -11.67
C THR B 79 -21.10 -11.95 -12.93
N LEU B 80 -20.01 -12.51 -13.43
CA LEU B 80 -19.37 -12.00 -14.65
C LEU B 80 -20.16 -12.37 -15.92
N HIS B 81 -20.27 -11.41 -16.85
CA HIS B 81 -21.02 -11.59 -18.09
C HIS B 81 -20.11 -11.70 -19.33
N ASP B 82 -19.05 -10.88 -19.38
CA ASP B 82 -18.16 -10.85 -20.54
C ASP B 82 -16.86 -10.06 -20.26
N VAL B 83 -15.90 -10.17 -21.17
CA VAL B 83 -14.63 -9.45 -21.03
C VAL B 83 -14.16 -8.97 -22.41
N TYR B 84 -13.90 -7.67 -22.51
CA TYR B 84 -13.35 -7.09 -23.72
C TYR B 84 -11.96 -6.61 -23.38
N GLU B 85 -11.16 -6.33 -24.40
CA GLU B 85 -9.82 -5.79 -24.21
C GLU B 85 -9.40 -4.89 -25.37
N ASN B 86 -8.77 -3.76 -25.03
CA ASN B 86 -8.16 -2.89 -26.02
C ASN B 86 -6.70 -2.62 -25.68
N ARG B 87 -6.15 -1.58 -26.31
N ARG B 87 -6.13 -1.59 -26.31
CA ARG B 87 -4.74 -1.23 -26.18
CA ARG B 87 -4.71 -1.29 -26.15
C ARG B 87 -4.32 -1.04 -24.72
C ARG B 87 -4.33 -1.08 -24.68
N THR B 88 -5.08 -0.24 -23.98
CA THR B 88 -4.76 0.11 -22.60
C THR B 88 -5.51 -0.66 -21.51
N ASP B 89 -6.77 -0.99 -21.77
CA ASP B 89 -7.65 -1.50 -20.72
C ASP B 89 -8.19 -2.91 -20.97
N VAL B 90 -8.45 -3.62 -19.88
CA VAL B 90 -9.29 -4.80 -19.94
C VAL B 90 -10.64 -4.40 -19.32
N VAL B 91 -11.73 -4.73 -20.00
CA VAL B 91 -13.05 -4.36 -19.50
C VAL B 91 -13.89 -5.55 -19.08
N LEU B 92 -14.15 -5.64 -17.78
CA LEU B 92 -15.01 -6.68 -17.25
C LEU B 92 -16.44 -6.18 -17.28
N ILE B 93 -17.30 -6.90 -18.02
CA ILE B 93 -18.73 -6.64 -18.02
C ILE B 93 -19.35 -7.52 -16.94
N LEU B 94 -19.89 -6.87 -15.91
CA LEU B 94 -20.31 -7.53 -14.68
C LEU B 94 -21.78 -7.24 -14.37
N GLU B 95 -22.39 -8.15 -13.59
CA GLU B 95 -23.74 -7.95 -13.07
C GLU B 95 -23.84 -6.58 -12.39
N LEU B 96 -24.93 -5.86 -12.67
CA LEU B 96 -25.13 -4.55 -12.07
C LEU B 96 -25.66 -4.69 -10.64
N VAL B 97 -24.85 -4.28 -9.67
CA VAL B 97 -25.24 -4.26 -8.28
C VAL B 97 -25.43 -2.80 -7.87
N SER B 98 -26.68 -2.37 -7.74
CA SER B 98 -27.00 -0.95 -7.63
C SER B 98 -27.51 -0.50 -6.25
N GLY B 99 -27.63 -1.44 -5.31
CA GLY B 99 -28.25 -1.13 -4.04
C GLY B 99 -27.37 -0.44 -3.01
N GLY B 100 -26.12 -0.15 -3.38
CA GLY B 100 -25.18 0.49 -2.47
C GLY B 100 -24.66 -0.48 -1.43
N GLU B 101 -23.88 0.04 -0.48
CA GLU B 101 -23.24 -0.81 0.55
C GLU B 101 -24.20 -1.24 1.66
N LEU B 102 -24.00 -2.47 2.15
CA LEU B 102 -24.79 -2.99 3.26
C LEU B 102 -24.76 -2.02 4.43
N PHE B 103 -23.55 -1.67 4.86
CA PHE B 103 -23.37 -0.73 5.95
C PHE B 103 -24.19 0.55 5.79
N ASP B 104 -24.13 1.16 4.61
CA ASP B 104 -24.84 2.41 4.38
C ASP B 104 -26.35 2.27 4.58
N PHE B 105 -26.87 1.09 4.29
CA PHE B 105 -28.28 0.77 4.49
C PHE B 105 -28.61 0.54 5.95
N LEU B 106 -27.75 -0.19 6.64
CA LEU B 106 -27.92 -0.39 8.08
C LEU B 106 -27.90 0.93 8.83
N ALA B 107 -26.97 1.81 8.45
CA ALA B 107 -26.85 3.11 9.11
C ALA B 107 -28.13 3.93 9.05
N GLN B 108 -28.97 3.65 8.07
CA GLN B 108 -30.22 4.40 7.95
C GLN B 108 -31.37 3.70 8.67
N LYS B 109 -31.04 2.72 9.50
CA LYS B 109 -32.07 1.95 10.19
C LYS B 109 -32.50 2.51 11.54
N GLU B 110 -33.75 2.21 11.87
CA GLU B 110 -34.42 2.68 13.08
C GLU B 110 -34.06 1.76 14.23
N SER B 111 -34.34 0.48 14.02
CA SER B 111 -34.04 -0.55 15.00
C SER B 111 -33.43 -1.74 14.26
N LEU B 112 -32.62 -2.53 14.97
CA LEU B 112 -32.01 -3.70 14.37
C LEU B 112 -31.56 -4.72 15.44
N SER B 113 -32.25 -5.85 15.49
CA SER B 113 -31.90 -6.91 16.43
C SER B 113 -30.72 -7.75 15.95
N GLU B 114 -30.16 -8.56 16.85
CA GLU B 114 -29.15 -9.52 16.47
C GLU B 114 -29.73 -10.58 15.54
N GLU B 115 -31.02 -10.87 15.68
CA GLU B 115 -31.65 -11.84 14.79
C GLU B 115 -31.60 -11.33 13.36
N GLU B 116 -31.87 -10.04 13.17
CA GLU B 116 -31.84 -9.46 11.84
C GLU B 116 -30.41 -9.33 11.33
N ALA B 117 -29.51 -8.95 12.23
CA ALA B 117 -28.09 -8.84 11.86
C ALA B 117 -27.55 -10.18 11.40
N THR B 118 -27.79 -11.24 12.17
CA THR B 118 -27.32 -12.56 11.77
C THR B 118 -27.89 -12.98 10.41
N SER B 119 -29.03 -12.39 10.04
CA SER B 119 -29.64 -12.69 8.77
C SER B 119 -28.84 -12.14 7.59
N PHE B 120 -28.20 -11.01 7.79
CA PHE B 120 -27.35 -10.45 6.75
C PHE B 120 -26.00 -11.14 6.74
N ILE B 121 -25.46 -11.38 7.93
CA ILE B 121 -24.20 -12.10 8.09
C ILE B 121 -24.28 -13.50 7.47
N LYS B 122 -25.43 -14.15 7.62
CA LYS B 122 -25.63 -15.46 7.02
C LYS B 122 -25.47 -15.39 5.50
N GLN B 123 -26.06 -14.38 4.88
CA GLN B 123 -25.93 -14.18 3.45
C GLN B 123 -24.43 -14.15 3.07
N ILE B 124 -23.65 -13.34 3.80
CA ILE B 124 -22.21 -13.29 3.60
C ILE B 124 -21.54 -14.66 3.78
N LEU B 125 -21.97 -15.40 4.81
CA LEU B 125 -21.36 -16.71 5.07
C LEU B 125 -21.68 -17.71 3.96
N ASP B 126 -22.89 -17.59 3.39
CA ASP B 126 -23.31 -18.43 2.28
C ASP B 126 -22.41 -18.23 1.07
N GLY B 127 -22.11 -16.96 0.77
CA GLY B 127 -21.27 -16.61 -0.35
C GLY B 127 -19.86 -17.08 -0.14
N VAL B 128 -19.34 -16.90 1.07
CA VAL B 128 -17.99 -17.34 1.38
C VAL B 128 -17.88 -18.86 1.41
N ASN B 129 -18.91 -19.52 1.93
CA ASN B 129 -18.96 -20.98 1.95
C ASN B 129 -18.86 -21.55 0.54
N TYR B 130 -19.67 -21.01 -0.37
CA TYR B 130 -19.60 -21.42 -1.76
C TYR B 130 -18.17 -21.25 -2.31
N LEU B 131 -17.53 -20.13 -2.00
CA LEU B 131 -16.17 -19.87 -2.44
C LEU B 131 -15.16 -20.84 -1.85
N HIS B 132 -15.21 -21.03 -0.54
CA HIS B 132 -14.26 -21.95 0.12
C HIS B 132 -14.40 -23.39 -0.35
N THR B 133 -15.63 -23.84 -0.58
CA THR B 133 -15.85 -25.16 -1.16
C THR B 133 -15.01 -25.35 -2.45
N LYS B 134 -14.92 -24.30 -3.26
CA LYS B 134 -14.15 -24.34 -4.50
C LYS B 134 -12.70 -23.91 -4.28
N LYS B 135 -12.28 -23.85 -3.02
CA LYS B 135 -10.90 -23.48 -2.68
C LYS B 135 -10.50 -22.08 -3.14
N ILE B 136 -11.48 -21.18 -3.23
CA ILE B 136 -11.22 -19.79 -3.57
C ILE B 136 -11.24 -18.92 -2.31
N ALA B 137 -10.13 -18.23 -2.06
CA ALA B 137 -10.07 -17.23 -1.01
C ALA B 137 -10.33 -15.85 -1.60
N HIS B 138 -11.24 -15.10 -1.00
CA HIS B 138 -11.58 -13.76 -1.46
C HIS B 138 -10.46 -12.74 -1.16
N PHE B 139 -10.00 -12.72 0.08
CA PHE B 139 -8.83 -11.93 0.48
C PHE B 139 -9.05 -10.42 0.52
N ASP B 140 -10.31 -9.97 0.43
CA ASP B 140 -10.62 -8.55 0.57
C ASP B 140 -12.02 -8.39 1.11
N LEU B 141 -12.34 -9.18 2.14
CA LEU B 141 -13.60 -9.01 2.82
C LEU B 141 -13.55 -7.80 3.75
N LYS B 142 -14.37 -6.81 3.43
CA LYS B 142 -14.46 -5.55 4.14
C LYS B 142 -15.74 -4.87 3.67
N PRO B 143 -16.30 -3.98 4.50
CA PRO B 143 -17.59 -3.33 4.26
C PRO B 143 -17.85 -2.85 2.83
N GLU B 144 -16.91 -2.13 2.22
CA GLU B 144 -17.17 -1.56 0.91
C GLU B 144 -17.28 -2.62 -0.19
N ASN B 145 -16.87 -3.85 0.11
CA ASN B 145 -17.01 -4.94 -0.85
C ASN B 145 -18.26 -5.78 -0.61
N ILE B 146 -19.13 -5.28 0.27
CA ILE B 146 -20.37 -5.99 0.59
C ILE B 146 -21.55 -5.10 0.22
N MET B 147 -22.14 -5.38 -0.93
CA MET B 147 -23.16 -4.54 -1.55
C MET B 147 -24.53 -5.20 -1.53
N LEU B 148 -25.54 -4.44 -1.97
CA LEU B 148 -26.91 -4.93 -2.04
C LEU B 148 -27.40 -4.76 -3.47
N LEU B 149 -28.30 -5.65 -3.89
CA LEU B 149 -28.96 -5.53 -5.18
C LEU B 149 -29.96 -4.37 -5.24
N ASP B 150 -30.84 -4.33 -4.25
CA ASP B 150 -31.87 -3.32 -4.17
C ASP B 150 -32.08 -3.03 -2.70
N LYS B 151 -31.77 -1.81 -2.29
CA LYS B 151 -31.91 -1.41 -0.90
C LYS B 151 -33.37 -1.12 -0.55
N ASN B 152 -34.23 -1.17 -1.57
CA ASN B 152 -35.62 -0.74 -1.42
C ASN B 152 -36.65 -1.86 -1.18
N ILE B 153 -36.15 -3.08 -0.97
CA ILE B 153 -37.03 -4.19 -0.58
C ILE B 153 -36.84 -4.50 0.89
N PRO B 154 -37.85 -5.09 1.52
CA PRO B 154 -37.83 -5.29 2.98
C PRO B 154 -36.52 -5.92 3.46
N ILE B 155 -36.06 -6.95 2.78
CA ILE B 155 -34.81 -7.61 3.16
C ILE B 155 -33.83 -7.61 1.99
N PRO B 156 -32.93 -6.62 1.99
CA PRO B 156 -31.93 -6.43 0.92
C PRO B 156 -31.13 -7.69 0.63
N HIS B 157 -30.75 -7.84 -0.63
CA HIS B 157 -30.02 -9.02 -1.10
C HIS B 157 -28.52 -8.69 -1.23
N ILE B 158 -27.69 -9.43 -0.49
CA ILE B 158 -26.27 -9.15 -0.42
C ILE B 158 -25.48 -9.76 -1.55
N LYS B 159 -24.49 -9.00 -2.04
CA LYS B 159 -23.62 -9.45 -3.13
C LYS B 159 -22.16 -9.12 -2.81
N LEU B 160 -21.34 -10.14 -2.62
CA LEU B 160 -19.91 -9.95 -2.47
C LEU B 160 -19.29 -9.54 -3.81
N ILE B 161 -18.55 -8.44 -3.83
CA ILE B 161 -17.92 -7.97 -5.06
C ILE B 161 -16.41 -7.92 -4.95
N ASP B 162 -15.78 -7.51 -6.05
CA ASP B 162 -14.35 -7.17 -6.11
C ASP B 162 -13.38 -8.31 -5.82
N PHE B 163 -13.10 -9.12 -6.84
CA PHE B 163 -12.18 -10.24 -6.70
C PHE B 163 -10.75 -9.90 -7.13
N GLY B 164 -10.42 -8.61 -7.05
CA GLY B 164 -9.08 -8.14 -7.35
C GLY B 164 -7.99 -8.86 -6.58
N LEU B 165 -8.32 -9.35 -5.39
CA LEU B 165 -7.32 -9.98 -4.53
C LEU B 165 -7.58 -11.46 -4.31
N ALA B 166 -8.62 -11.97 -4.96
CA ALA B 166 -9.00 -13.36 -4.77
C ALA B 166 -7.89 -14.29 -5.28
N HIS B 167 -7.81 -15.47 -4.69
CA HIS B 167 -6.76 -16.42 -5.03
C HIS B 167 -7.22 -17.84 -4.79
N GLU B 168 -6.89 -18.73 -5.71
CA GLU B 168 -7.12 -20.15 -5.51
C GLU B 168 -6.03 -20.69 -4.59
N ILE B 169 -6.45 -21.41 -3.57
CA ILE B 169 -5.53 -22.00 -2.61
C ILE B 169 -5.23 -23.42 -3.03
N GLU B 170 -3.97 -23.70 -3.32
CA GLU B 170 -3.56 -25.01 -3.78
C GLU B 170 -2.93 -25.79 -2.64
N ASP B 171 -3.38 -27.03 -2.49
CA ASP B 171 -2.76 -27.94 -1.54
C ASP B 171 -1.30 -28.10 -1.91
N GLY B 172 -0.43 -28.11 -0.91
CA GLY B 172 0.98 -28.29 -1.15
C GLY B 172 1.68 -27.13 -1.84
N VAL B 173 0.94 -26.05 -2.12
CA VAL B 173 1.57 -24.87 -2.69
C VAL B 173 1.46 -23.67 -1.77
N GLU B 174 2.60 -23.24 -1.26
CA GLU B 174 2.64 -22.10 -0.36
C GLU B 174 2.34 -20.79 -1.06
N PHE B 175 1.37 -20.06 -0.54
CA PHE B 175 1.08 -18.73 -1.03
C PHE B 175 1.31 -17.72 0.08
N LYS B 176 2.21 -16.77 -0.16
CA LYS B 176 2.43 -15.66 0.76
C LYS B 176 2.39 -14.35 -0.02
N ASN B 177 1.87 -13.31 0.62
CA ASN B 177 1.84 -12.00 0.02
C ASN B 177 1.42 -11.00 1.09
N ILE B 178 1.57 -9.71 0.81
CA ILE B 178 1.10 -8.65 1.70
C ILE B 178 0.17 -7.75 0.91
N PHE B 179 -1.03 -7.51 1.44
CA PHE B 179 -2.09 -6.78 0.73
C PHE B 179 -3.28 -6.46 1.65
N GLY B 180 -4.27 -5.76 1.11
CA GLY B 180 -5.53 -5.58 1.82
C GLY B 180 -5.59 -4.35 2.72
N THR B 181 -6.74 -4.14 3.36
CA THR B 181 -6.90 -2.99 4.23
C THR B 181 -6.53 -3.34 5.67
N PRO B 182 -5.53 -2.63 6.23
CA PRO B 182 -4.96 -2.93 7.55
C PRO B 182 -6.02 -3.21 8.61
N GLU B 183 -7.08 -2.40 8.65
CA GLU B 183 -8.16 -2.60 9.60
C GLU B 183 -8.72 -4.05 9.58
N PHE B 184 -8.69 -4.69 8.42
CA PHE B 184 -9.39 -5.97 8.23
C PHE B 184 -8.53 -7.20 7.93
N VAL B 185 -7.20 -7.04 7.90
CA VAL B 185 -6.34 -8.16 7.55
C VAL B 185 -5.97 -9.05 8.75
N ALA B 186 -5.89 -10.35 8.50
CA ALA B 186 -5.51 -11.34 9.50
C ALA B 186 -4.03 -11.25 9.91
N PRO B 187 -3.69 -11.80 11.09
CA PRO B 187 -2.30 -11.75 11.54
C PRO B 187 -1.31 -12.39 10.55
N GLU B 188 -1.70 -13.46 9.87
CA GLU B 188 -0.78 -14.13 8.94
C GLU B 188 -0.43 -13.25 7.73
N ILE B 189 -1.30 -12.32 7.38
CA ILE B 189 -0.98 -11.39 6.31
C ILE B 189 0.09 -10.42 6.82
N VAL B 190 -0.19 -9.77 7.94
CA VAL B 190 0.77 -8.83 8.55
C VAL B 190 2.14 -9.49 8.84
N ASN B 191 2.15 -10.71 9.38
CA ASN B 191 3.41 -11.42 9.64
C ASN B 191 4.05 -12.06 8.42
N TYR B 192 3.40 -11.97 7.26
CA TYR B 192 3.96 -12.56 6.05
C TYR B 192 4.14 -14.06 6.26
N GLU B 193 3.06 -14.74 6.61
CA GLU B 193 3.10 -16.18 6.82
C GLU B 193 2.19 -16.87 5.81
N PRO B 194 2.27 -18.21 5.72
CA PRO B 194 1.44 -18.93 4.75
C PRO B 194 -0.03 -18.53 4.83
N LEU B 195 -0.61 -18.19 3.69
CA LEU B 195 -1.99 -17.73 3.62
C LEU B 195 -2.93 -18.83 3.09
N GLY B 196 -4.17 -18.81 3.55
CA GLY B 196 -5.17 -19.78 3.10
C GLY B 196 -6.59 -19.27 3.21
N LEU B 197 -7.54 -20.19 3.37
CA LEU B 197 -8.95 -19.82 3.48
C LEU B 197 -9.23 -19.14 4.81
N GLU B 198 -8.33 -19.33 5.77
CA GLU B 198 -8.60 -18.87 7.14
C GLU B 198 -8.65 -17.35 7.26
N ALA B 199 -7.91 -16.64 6.41
CA ALA B 199 -7.85 -15.18 6.49
C ALA B 199 -9.22 -14.53 6.33
N ASP B 200 -10.01 -15.06 5.39
CA ASP B 200 -11.38 -14.62 5.15
C ASP B 200 -12.23 -14.73 6.42
N MET B 201 -11.98 -15.78 7.21
CA MET B 201 -12.73 -15.97 8.44
C MET B 201 -12.36 -14.89 9.47
N TRP B 202 -11.09 -14.54 9.56
CA TRP B 202 -10.70 -13.45 10.42
C TRP B 202 -11.50 -12.20 10.02
N SER B 203 -11.45 -11.84 8.74
CA SER B 203 -12.13 -10.64 8.23
C SER B 203 -13.60 -10.60 8.63
N ILE B 204 -14.28 -11.74 8.49
CA ILE B 204 -15.68 -11.84 8.91
C ILE B 204 -15.84 -11.49 10.38
N GLY B 205 -14.89 -11.94 11.20
CA GLY B 205 -14.86 -11.60 12.62
C GLY B 205 -14.87 -10.10 12.85
N VAL B 206 -14.00 -9.39 12.15
CA VAL B 206 -13.87 -7.94 12.28
C VAL B 206 -15.15 -7.23 11.84
N ILE B 207 -15.67 -7.66 10.69
CA ILE B 207 -16.88 -7.08 10.12
C ILE B 207 -18.07 -7.30 11.05
N THR B 208 -18.11 -8.44 11.71
CA THR B 208 -19.21 -8.72 12.61
C THR B 208 -19.07 -7.81 13.84
N TYR B 209 -17.87 -7.74 14.38
CA TYR B 209 -17.56 -6.85 15.49
C TYR B 209 -18.07 -5.44 15.21
N ILE B 210 -17.71 -4.91 14.05
CA ILE B 210 -18.14 -3.56 13.68
C ILE B 210 -19.66 -3.44 13.52
N LEU B 211 -20.26 -4.41 12.86
CA LEU B 211 -21.69 -4.36 12.58
C LEU B 211 -22.51 -4.28 13.87
N LEU B 212 -22.11 -5.02 14.90
CA LEU B 212 -22.85 -5.08 16.15
C LEU B 212 -22.65 -3.88 17.07
N SER B 213 -21.47 -3.27 17.00
CA SER B 213 -21.05 -2.34 18.05
C SER B 213 -20.72 -0.94 17.54
N GLY B 214 -20.30 -0.86 16.28
CA GLY B 214 -19.90 0.40 15.68
C GLY B 214 -18.43 0.62 15.86
N ALA B 215 -17.83 -0.09 16.82
CA ALA B 215 -16.39 0.01 17.07
C ALA B 215 -15.59 -1.02 16.25
N SER B 216 -14.28 -0.81 16.18
CA SER B 216 -13.40 -1.65 15.41
C SER B 216 -12.41 -2.28 16.38
N PRO B 217 -12.26 -3.61 16.32
CA PRO B 217 -11.48 -4.36 17.31
C PRO B 217 -10.02 -3.97 17.37
N PHE B 218 -9.37 -3.79 16.22
CA PHE B 218 -7.92 -3.61 16.20
C PHE B 218 -7.47 -2.23 15.75
N LEU B 219 -8.43 -1.39 15.40
CA LEU B 219 -8.12 -0.08 14.85
C LEU B 219 -7.36 0.77 15.86
N GLY B 220 -6.17 1.22 15.46
CA GLY B 220 -5.35 2.09 16.27
C GLY B 220 -5.40 3.51 15.73
N ASP B 221 -4.57 4.38 16.30
CA ASP B 221 -4.49 5.76 15.85
C ASP B 221 -3.70 5.88 14.55
N THR B 222 -2.77 4.94 14.35
CA THR B 222 -1.94 4.90 13.16
C THR B 222 -1.90 3.47 12.66
N LYS B 223 -1.46 3.29 11.41
CA LYS B 223 -1.29 1.95 10.86
C LYS B 223 -0.39 1.12 11.78
N GLN B 224 0.78 1.67 12.11
CA GLN B 224 1.71 1.02 13.02
C GLN B 224 0.99 0.38 14.19
N GLU B 225 0.09 1.13 14.83
CA GLU B 225 -0.66 0.62 15.98
C GLU B 225 -1.67 -0.48 15.60
N THR B 226 -2.39 -0.28 14.51
CA THR B 226 -3.30 -1.29 14.01
C THR B 226 -2.58 -2.61 13.77
N LEU B 227 -1.41 -2.56 13.14
CA LEU B 227 -0.64 -3.76 12.85
C LEU B 227 -0.18 -4.47 14.13
N ALA B 228 0.19 -3.69 15.15
CA ALA B 228 0.61 -4.23 16.43
C ALA B 228 -0.56 -4.95 17.13
N ASN B 229 -1.72 -4.30 17.14
CA ASN B 229 -2.92 -4.85 17.76
C ASN B 229 -3.33 -6.16 17.11
N ILE B 230 -3.37 -6.16 15.79
CA ILE B 230 -3.64 -7.37 15.04
C ILE B 230 -2.70 -8.51 15.45
N THR B 231 -1.41 -8.24 15.47
CA THR B 231 -0.44 -9.31 15.67
C THR B 231 -0.45 -9.90 17.08
N ALA B 232 -0.77 -9.07 18.08
CA ALA B 232 -0.91 -9.58 19.43
C ALA B 232 -2.36 -9.93 19.78
N VAL B 233 -3.24 -9.84 18.78
CA VAL B 233 -4.67 -10.09 18.97
C VAL B 233 -5.17 -9.35 20.21
N SER B 234 -4.93 -8.04 20.22
CA SER B 234 -5.29 -7.20 21.35
C SER B 234 -6.59 -6.45 21.07
N TYR B 235 -7.67 -6.92 21.68
CA TYR B 235 -8.96 -6.24 21.59
C TYR B 235 -9.81 -6.54 22.81
N ASP B 236 -10.95 -5.88 22.90
CA ASP B 236 -11.85 -6.14 24.01
C ASP B 236 -13.28 -5.87 23.59
N PHE B 237 -14.22 -6.18 24.48
CA PHE B 237 -15.60 -5.76 24.31
C PHE B 237 -15.93 -4.67 25.32
N ASP B 238 -15.58 -3.42 24.99
CA ASP B 238 -15.93 -2.28 25.84
C ASP B 238 -17.44 -2.25 26.10
N GLU B 239 -17.83 -2.30 27.37
CA GLU B 239 -19.25 -2.28 27.75
C GLU B 239 -19.95 -1.01 27.31
N GLU B 240 -19.18 0.04 27.03
CA GLU B 240 -19.76 1.24 26.50
C GLU B 240 -20.52 0.91 25.22
N PHE B 241 -20.03 -0.09 24.48
CA PHE B 241 -20.57 -0.40 23.16
C PHE B 241 -21.21 -1.79 23.07
N PHE B 242 -20.76 -2.73 23.91
CA PHE B 242 -21.22 -4.11 23.86
C PHE B 242 -22.21 -4.50 24.97
N SER B 243 -22.78 -3.51 25.66
CA SER B 243 -23.64 -3.76 26.81
C SER B 243 -24.97 -4.43 26.47
N GLN B 244 -25.34 -4.42 25.20
CA GLN B 244 -26.61 -4.99 24.78
C GLN B 244 -26.38 -6.19 23.86
N THR B 245 -25.11 -6.58 23.71
CA THR B 245 -24.72 -7.64 22.79
C THR B 245 -24.66 -9.01 23.48
N SER B 246 -25.27 -10.03 22.86
CA SER B 246 -25.38 -11.34 23.48
C SER B 246 -24.06 -12.09 23.61
N GLU B 247 -24.00 -12.99 24.59
N GLU B 247 -23.99 -12.99 24.60
CA GLU B 247 -22.82 -13.82 24.82
CA GLU B 247 -22.79 -13.80 24.79
C GLU B 247 -22.57 -14.73 23.61
C GLU B 247 -22.55 -14.69 23.57
N LEU B 248 -23.64 -15.09 22.90
CA LEU B 248 -23.54 -15.91 21.70
C LEU B 248 -22.80 -15.16 20.60
N ALA B 249 -23.13 -13.88 20.44
CA ALA B 249 -22.48 -13.03 19.45
C ALA B 249 -20.99 -12.89 19.77
N LYS B 250 -20.68 -12.59 21.02
CA LYS B 250 -19.29 -12.41 21.43
C LYS B 250 -18.49 -13.70 21.29
N ASP B 251 -19.12 -14.83 21.57
CA ASP B 251 -18.47 -16.15 21.43
C ASP B 251 -18.14 -16.42 19.97
N PHE B 252 -19.05 -16.00 19.09
CA PHE B 252 -18.86 -16.09 17.64
C PHE B 252 -17.63 -15.29 17.22
N ILE B 253 -17.58 -14.04 17.65
CA ILE B 253 -16.45 -13.17 17.33
C ILE B 253 -15.15 -13.71 17.90
N ARG B 254 -15.16 -14.08 19.17
CA ARG B 254 -14.01 -14.66 19.85
C ARG B 254 -13.37 -15.84 19.11
N LYS B 255 -14.20 -16.68 18.52
CA LYS B 255 -13.71 -17.89 17.88
C LYS B 255 -13.20 -17.59 16.47
N LEU B 256 -13.53 -16.41 15.94
CA LEU B 256 -13.02 -15.95 14.65
C LEU B 256 -11.73 -15.14 14.78
N LEU B 257 -11.63 -14.34 15.83
CA LEU B 257 -10.45 -13.49 16.05
C LEU B 257 -9.35 -14.25 16.82
N VAL B 258 -8.84 -15.32 16.22
CA VAL B 258 -7.78 -16.12 16.82
C VAL B 258 -6.55 -16.09 15.91
N LYS B 259 -5.36 -16.07 16.51
CA LYS B 259 -4.13 -16.00 15.71
C LYS B 259 -3.81 -17.31 14.98
N GLU B 260 -4.01 -18.43 15.65
CA GLU B 260 -3.68 -19.74 15.07
C GLU B 260 -4.66 -20.12 13.98
N THR B 261 -4.15 -20.24 12.75
CA THR B 261 -4.97 -20.58 11.60
C THR B 261 -5.73 -21.90 11.76
N ARG B 262 -5.15 -22.82 12.53
CA ARG B 262 -5.70 -24.16 12.71
C ARG B 262 -6.88 -24.18 13.68
N LYS B 263 -6.90 -23.22 14.61
CA LYS B 263 -7.93 -23.16 15.63
C LYS B 263 -9.06 -22.19 15.28
N ARG B 264 -8.81 -21.30 14.33
CA ARG B 264 -9.86 -20.38 13.89
C ARG B 264 -11.02 -21.20 13.31
N LEU B 265 -12.25 -20.74 13.54
CA LEU B 265 -13.41 -21.41 12.92
C LEU B 265 -13.26 -21.44 11.42
N THR B 266 -13.60 -22.57 10.80
CA THR B 266 -13.68 -22.65 9.34
C THR B 266 -15.03 -22.08 8.92
N ILE B 267 -15.29 -22.01 7.62
CA ILE B 267 -16.56 -21.43 7.18
C ILE B 267 -17.75 -22.30 7.62
N GLN B 268 -17.61 -23.62 7.50
CA GLN B 268 -18.68 -24.53 7.92
C GLN B 268 -18.97 -24.47 9.42
N GLU B 269 -17.92 -24.30 10.22
CA GLU B 269 -18.09 -24.12 11.66
C GLU B 269 -18.81 -22.80 11.97
N ALA B 270 -18.43 -21.73 11.26
CA ALA B 270 -19.15 -20.47 11.40
C ALA B 270 -20.64 -20.68 11.14
N LEU B 271 -20.96 -21.30 10.00
CA LEU B 271 -22.35 -21.58 9.61
C LEU B 271 -23.12 -22.41 10.65
N ARG B 272 -22.41 -23.22 11.42
CA ARG B 272 -23.07 -24.05 12.42
C ARG B 272 -23.10 -23.41 13.80
N HIS B 273 -22.39 -22.31 13.98
CA HIS B 273 -22.39 -21.67 15.29
C HIS B 273 -23.81 -21.35 15.73
N PRO B 274 -24.13 -21.61 17.00
CA PRO B 274 -25.49 -21.39 17.50
C PRO B 274 -26.01 -19.96 17.31
N TRP B 275 -25.15 -18.96 17.34
CA TRP B 275 -25.58 -17.58 17.08
C TRP B 275 -26.10 -17.37 15.66
N ILE B 276 -25.60 -18.17 14.73
CA ILE B 276 -26.09 -18.19 13.35
C ILE B 276 -27.23 -19.21 13.16
N THR B 277 -27.06 -20.38 13.77
CA THR B 277 -27.98 -21.50 13.57
C THR B 277 -28.42 -22.06 14.92
N PRO B 278 -29.35 -21.36 15.59
CA PRO B 278 -29.80 -21.76 16.93
C PRO B 278 -30.37 -23.17 16.92
N VAL B 279 -30.06 -23.96 17.95
CA VAL B 279 -30.59 -25.33 18.01
C VAL B 279 -31.81 -25.46 18.92
N ASP B 280 -32.10 -24.42 19.70
CA ASP B 280 -33.26 -24.43 20.60
C ASP B 280 -33.94 -23.07 20.70
N THR B 281 -35.20 -23.08 21.09
CA THR B 281 -35.99 -21.86 21.24
C THR B 281 -35.33 -20.84 22.18
N GLN B 282 -34.66 -21.32 23.23
CA GLN B 282 -34.00 -20.45 24.20
C GLN B 282 -32.97 -19.50 23.57
N GLN B 283 -32.10 -20.06 22.74
CA GLN B 283 -31.06 -19.26 22.06
C GLN B 283 -31.66 -18.22 21.12
N ALA B 284 -32.74 -18.60 20.44
CA ALA B 284 -33.32 -17.73 19.41
C ALA B 284 -34.02 -16.53 20.03
N MET B 285 -34.57 -16.74 21.23
CA MET B 285 -35.15 -15.66 22.03
C MET B 285 -34.07 -14.64 22.37
N VAL B 286 -32.98 -15.11 22.97
CA VAL B 286 -31.86 -14.25 23.37
C VAL B 286 -31.38 -13.38 22.22
N ARG B 287 -31.29 -13.99 21.04
CA ARG B 287 -30.86 -13.28 19.84
C ARG B 287 -31.84 -12.17 19.50
N ARG B 288 -33.11 -12.53 19.53
CA ARG B 288 -34.24 -11.62 19.29
C ARG B 288 -34.32 -10.45 20.29
N GLU B 289 -33.73 -10.63 21.46
CA GLU B 289 -33.79 -9.62 22.52
C GLU B 289 -32.52 -8.78 22.67
N SER B 290 -31.50 -9.08 21.88
CA SER B 290 -30.23 -8.32 21.88
C SER B 290 -30.22 -7.32 20.73
N VAL B 291 -29.93 -6.07 21.03
CA VAL B 291 -30.03 -5.03 20.01
C VAL B 291 -28.67 -4.55 19.48
N VAL B 292 -28.59 -4.31 18.18
CA VAL B 292 -27.40 -3.74 17.56
C VAL B 292 -27.24 -2.30 18.06
N ASN B 293 -26.00 -1.85 18.18
CA ASN B 293 -25.73 -0.48 18.63
C ASN B 293 -25.80 0.50 17.46
N LEU B 294 -27.00 0.70 16.93
CA LEU B 294 -27.18 1.60 15.80
C LEU B 294 -26.55 2.97 16.05
N GLU B 295 -26.67 3.46 17.28
CA GLU B 295 -26.20 4.79 17.62
C GLU B 295 -24.71 4.99 17.38
N ASN B 296 -23.88 4.13 17.94
CA ASN B 296 -22.44 4.20 17.72
C ASN B 296 -22.09 3.77 16.29
N PHE B 297 -22.86 2.84 15.74
CA PHE B 297 -22.67 2.41 14.37
C PHE B 297 -22.86 3.58 13.39
N LYS B 298 -23.99 4.27 13.48
CA LYS B 298 -24.22 5.43 12.62
C LYS B 298 -23.05 6.41 12.73
N LYS B 299 -22.64 6.70 13.97
CA LYS B 299 -21.62 7.70 14.22
C LYS B 299 -20.27 7.38 13.57
N GLN B 300 -19.83 6.13 13.67
CA GLN B 300 -18.52 5.78 13.14
C GLN B 300 -18.52 5.65 11.63
N TYR B 301 -19.69 5.50 11.02
CA TYR B 301 -19.75 5.24 9.60
C TYR B 301 -20.49 6.28 8.77
N VAL B 302 -21.16 7.20 9.44
CA VAL B 302 -21.88 8.27 8.76
C VAL B 302 -21.84 9.57 9.56
#